data_4M1R
#
_entry.id   4M1R
#
_cell.length_a   41.888
_cell.length_b   87.512
_cell.length_c   66.630
_cell.angle_alpha   90.00
_cell.angle_beta   98.55
_cell.angle_gamma   90.00
#
_symmetry.space_group_name_H-M   'P 1 21 1'
#
loop_
_entity.id
_entity.type
_entity.pdbx_description
1 polymer 'Cellulase 5'
2 non-polymer 2-AMINO-2-HYDROXYMETHYL-PROPANE-1,3-DIOL
3 water water
#
_entity_poly.entity_id   1
_entity_poly.type   'polypeptide(L)'
_entity_poly.pdbx_seq_one_letter_code
;MVAPITTSGNKVLFGGQQGSIAGNSFFWSNTGWGGEKYYNAQTVAWLKSDWKSSLVRAAMGVDESGGYITDSYNKTRVTT
VVDAAIANNMYVIIDWHSHHAEQYQSQAIAFFKEMATKYGNNNNVIYEIYNEPLQVSWSSVIKPYATAVIAEIRKIDPDN
LIVVGTPTWSQDVDVAANDPITGYANIAYTLHFYAGTHGQSLRNKASTALSKGIPLFVTEWGSVNADGGGSVATAETNSW
VSFMKTNNISNANWALNDKAEGASALVSGASANGGWTSSQLTASGTLAKSIISGWP
;
_entity_poly.pdbx_strand_id   A,B
#
# COMPACT_ATOMS: atom_id res chain seq x y z
N MET A 1 7.11 -16.49 -25.78
CA MET A 1 5.67 -16.54 -25.43
C MET A 1 5.35 -15.67 -24.22
N VAL A 2 5.79 -15.95 -22.96
CA VAL A 2 5.53 -14.90 -21.94
C VAL A 2 6.51 -13.73 -22.16
N ALA A 3 6.20 -12.56 -21.62
CA ALA A 3 7.06 -11.38 -21.79
C ALA A 3 8.44 -11.57 -21.09
N PRO A 4 9.56 -11.09 -21.70
CA PRO A 4 10.85 -11.31 -20.99
C PRO A 4 10.98 -10.36 -19.83
N ILE A 5 11.59 -10.82 -18.74
CA ILE A 5 11.79 -10.01 -17.54
C ILE A 5 13.16 -9.35 -17.59
N THR A 6 13.26 -8.06 -17.30
CA THR A 6 14.59 -7.42 -17.22
C THR A 6 14.63 -6.56 -15.94
N THR A 7 15.81 -6.04 -15.58
CA THR A 7 15.79 -4.98 -14.50
C THR A 7 16.40 -3.69 -15.03
N SER A 8 15.98 -2.57 -14.49
CA SER A 8 16.57 -1.27 -14.82
C SER A 8 16.48 -0.45 -13.54
N GLY A 9 17.62 -0.10 -12.98
CA GLY A 9 17.68 0.62 -11.68
C GLY A 9 16.89 -0.26 -10.70
N ASN A 10 15.97 0.35 -9.95
CA ASN A 10 15.21 -0.39 -8.93
C ASN A 10 13.91 -1.03 -9.42
N LYS A 11 13.76 -1.16 -10.75
CA LYS A 11 12.56 -1.78 -11.31
C LYS A 11 12.79 -3.13 -11.95
N VAL A 12 11.85 -4.04 -11.70
CA VAL A 12 11.79 -5.32 -12.44
C VAL A 12 10.72 -5.10 -13.57
N LEU A 13 11.13 -5.17 -14.81
CA LEU A 13 10.25 -4.89 -15.90
C LEU A 13 9.79 -6.14 -16.66
N PHE A 14 8.61 -6.03 -17.28
CA PHE A 14 8.03 -7.18 -18.04
C PHE A 14 7.80 -6.66 -19.45
N GLY A 15 8.51 -7.20 -20.44
CA GLY A 15 8.40 -6.69 -21.84
C GLY A 15 8.79 -5.20 -21.88
N GLY A 16 9.68 -4.80 -20.99
CA GLY A 16 10.15 -3.40 -20.96
C GLY A 16 9.20 -2.43 -20.22
N GLN A 17 8.15 -2.93 -19.60
CA GLN A 17 7.25 -1.98 -18.93
C GLN A 17 7.13 -2.30 -17.45
N GLN A 18 6.84 -1.27 -16.63
CA GLN A 18 6.70 -1.53 -15.16
C GLN A 18 5.51 -2.41 -14.95
N GLY A 19 5.61 -3.27 -13.95
CA GLY A 19 4.51 -4.18 -13.57
C GLY A 19 5.05 -5.27 -12.65
N SER A 20 4.18 -6.20 -12.28
CA SER A 20 4.60 -7.23 -11.34
C SER A 20 3.68 -8.44 -11.50
N ILE A 21 4.11 -9.58 -10.96
CA ILE A 21 3.32 -10.80 -10.96
C ILE A 21 3.18 -11.36 -9.57
N ALA A 22 2.07 -12.10 -9.35
CA ALA A 22 1.82 -12.76 -8.06
C ALA A 22 1.60 -14.24 -8.33
N GLY A 23 2.10 -15.04 -7.38
CA GLY A 23 1.88 -16.48 -7.43
C GLY A 23 2.24 -17.23 -6.15
N ASN A 24 2.72 -18.46 -6.31
CA ASN A 24 2.75 -19.38 -5.17
C ASN A 24 4.11 -20.07 -5.08
N SER A 25 4.67 -20.23 -3.89
CA SER A 25 5.78 -21.17 -3.70
C SER A 25 5.26 -22.54 -3.28
N PHE A 26 5.76 -23.61 -3.90
CA PHE A 26 5.56 -24.92 -3.30
C PHE A 26 6.40 -24.97 -2.03
N PHE A 27 6.06 -25.94 -1.18
CA PHE A 27 6.88 -26.25 -0.01
C PHE A 27 8.19 -26.95 -0.45
N TRP A 28 9.14 -27.07 0.49
CA TRP A 28 10.32 -27.92 0.19
C TRP A 28 10.00 -29.13 -0.67
N SER A 29 10.87 -29.39 -1.62
CA SER A 29 10.72 -30.55 -2.48
C SER A 29 11.18 -31.87 -1.89
N ASN A 30 11.81 -31.79 -0.71
CA ASN A 30 12.55 -32.90 -0.15
C ASN A 30 11.72 -34.17 0.01
N THR A 31 12.38 -35.29 -0.27
CA THR A 31 11.72 -36.60 -0.13
C THR A 31 11.35 -36.78 1.32
N GLY A 32 10.10 -37.16 1.57
CA GLY A 32 9.63 -37.48 2.90
C GLY A 32 9.00 -36.27 3.60
N TRP A 33 9.10 -35.05 3.05
CA TRP A 33 8.66 -33.89 3.76
C TRP A 33 7.22 -33.47 3.41
N GLY A 34 6.57 -34.23 2.53
CA GLY A 34 5.16 -34.06 2.24
C GLY A 34 4.71 -33.02 1.21
N GLY A 35 5.59 -32.11 0.80
CA GLY A 35 5.25 -31.13 -0.20
C GLY A 35 5.47 -31.67 -1.62
N GLU A 36 6.14 -32.82 -1.74
CA GLU A 36 6.55 -33.36 -3.04
C GLU A 36 5.27 -33.69 -3.89
N LYS A 37 4.15 -34.02 -3.22
CA LYS A 37 2.96 -34.59 -3.96
C LYS A 37 2.33 -33.47 -4.85
N TYR A 38 2.62 -32.20 -4.51
CA TYR A 38 2.11 -31.06 -5.30
C TYR A 38 3.00 -30.65 -6.47
N TYR A 39 4.19 -31.26 -6.62
CA TYR A 39 5.09 -30.94 -7.76
C TYR A 39 4.64 -31.64 -9.05
N ASN A 40 3.52 -31.19 -9.62
CA ASN A 40 2.94 -31.89 -10.76
C ASN A 40 2.12 -30.93 -11.62
N ALA A 41 1.83 -31.38 -12.86
CA ALA A 41 1.30 -30.51 -13.89
C ALA A 41 -0.16 -30.13 -13.59
N GLN A 42 -0.88 -30.97 -12.79
CA GLN A 42 -2.33 -30.73 -12.54
C GLN A 42 -2.47 -29.57 -11.55
N THR A 43 -1.63 -29.56 -10.53
CA THR A 43 -1.68 -28.51 -9.51
C THR A 43 -1.25 -27.18 -10.16
N VAL A 44 -0.21 -27.25 -10.99
CA VAL A 44 0.29 -26.02 -11.70
C VAL A 44 -0.84 -25.41 -12.58
N ALA A 45 -1.49 -26.27 -13.36
CA ALA A 45 -2.57 -25.82 -14.28
C ALA A 45 -3.77 -25.21 -13.49
N TRP A 46 -4.06 -25.80 -12.35
CA TRP A 46 -5.13 -25.35 -11.45
C TRP A 46 -4.85 -23.98 -10.79
N LEU A 47 -3.64 -23.81 -10.30
CA LEU A 47 -3.24 -22.46 -9.81
C LEU A 47 -3.41 -21.39 -10.91
N LYS A 48 -3.02 -21.72 -12.11
CA LYS A 48 -3.28 -20.83 -13.25
C LYS A 48 -4.75 -20.55 -13.54
N SER A 49 -5.57 -21.61 -13.65
CA SER A 49 -6.89 -21.45 -14.17
C SER A 49 -7.83 -20.96 -13.03
N ASP A 50 -7.63 -21.38 -11.80
CA ASP A 50 -8.58 -21.05 -10.74
C ASP A 50 -8.07 -19.86 -9.86
N TRP A 51 -6.78 -19.80 -9.57
CA TRP A 51 -6.27 -18.67 -8.74
C TRP A 51 -5.78 -17.51 -9.59
N LYS A 52 -5.70 -17.71 -10.91
CA LYS A 52 -5.09 -16.74 -11.84
C LYS A 52 -3.62 -16.48 -11.46
N SER A 53 -2.97 -17.53 -10.92
CA SER A 53 -1.56 -17.36 -10.53
C SER A 53 -0.70 -17.12 -11.80
N SER A 54 0.29 -16.22 -11.71
CA SER A 54 1.22 -15.97 -12.82
C SER A 54 2.58 -16.66 -12.60
N LEU A 55 2.73 -17.35 -11.47
CA LEU A 55 4.10 -17.73 -10.99
C LEU A 55 4.04 -18.93 -10.07
N VAL A 56 4.93 -19.90 -10.27
CA VAL A 56 5.16 -20.92 -9.27
C VAL A 56 6.62 -20.98 -8.96
N ARG A 57 6.92 -21.33 -7.72
CA ARG A 57 8.32 -21.41 -7.26
C ARG A 57 8.60 -22.86 -6.86
N ALA A 58 9.58 -23.49 -7.49
CA ALA A 58 10.00 -24.85 -7.15
C ALA A 58 11.12 -24.73 -6.10
N ALA A 59 10.81 -25.04 -4.86
CA ALA A 59 11.70 -24.82 -3.70
C ALA A 59 12.52 -26.11 -3.48
N MET A 60 13.62 -26.27 -4.26
CA MET A 60 14.38 -27.54 -4.24
C MET A 60 15.31 -27.53 -3.01
N GLY A 61 14.98 -28.40 -2.04
CA GLY A 61 15.83 -28.58 -0.85
C GLY A 61 17.22 -29.10 -1.33
N VAL A 62 18.28 -28.69 -0.64
CA VAL A 62 19.67 -28.97 -1.11
C VAL A 62 20.32 -29.83 -0.01
N ASP A 63 20.84 -29.18 1.06
CA ASP A 63 21.54 -29.84 2.12
C ASP A 63 20.68 -30.31 3.28
N GLU A 64 19.41 -29.94 3.32
CA GLU A 64 18.55 -30.51 4.37
C GLU A 64 18.28 -31.99 4.09
N SER A 65 17.84 -32.75 5.11
CA SER A 65 17.49 -34.15 4.96
C SER A 65 16.51 -34.41 3.76
N GLY A 66 16.83 -35.35 2.89
CA GLY A 66 15.99 -35.67 1.71
C GLY A 66 16.09 -34.65 0.56
N GLY A 67 17.03 -33.71 0.69
CA GLY A 67 17.31 -32.71 -0.38
C GLY A 67 18.18 -33.26 -1.51
N TYR A 68 18.49 -32.38 -2.47
CA TYR A 68 19.13 -32.76 -3.69
C TYR A 68 20.56 -33.31 -3.42
N ILE A 69 21.21 -32.89 -2.33
CA ILE A 69 22.63 -33.27 -2.11
C ILE A 69 22.69 -34.80 -1.82
N THR A 70 21.61 -35.36 -1.30
CA THR A 70 21.59 -36.83 -1.02
C THR A 70 20.57 -37.59 -1.87
N ASP A 71 19.67 -36.86 -2.56
CA ASP A 71 18.53 -37.47 -3.27
C ASP A 71 18.32 -36.78 -4.61
N SER A 72 18.89 -37.40 -5.66
CA SER A 72 18.93 -36.87 -7.04
C SER A 72 17.54 -36.56 -7.62
N TYR A 73 16.51 -37.30 -7.16
CA TYR A 73 15.16 -37.11 -7.73
C TYR A 73 14.55 -35.70 -7.42
N ASN A 74 15.09 -34.98 -6.45
CA ASN A 74 14.65 -33.55 -6.26
C ASN A 74 14.75 -32.78 -7.57
N LYS A 75 15.76 -33.07 -8.36
CA LYS A 75 15.87 -32.33 -9.63
C LYS A 75 14.70 -32.65 -10.61
N THR A 76 14.27 -33.91 -10.63
CA THR A 76 13.11 -34.33 -11.42
C THR A 76 11.83 -33.63 -11.01
N ARG A 77 11.62 -33.43 -9.70
CA ARG A 77 10.49 -32.66 -9.24
C ARG A 77 10.53 -31.24 -9.80
N VAL A 78 11.70 -30.60 -9.78
CA VAL A 78 11.89 -29.23 -10.36
C VAL A 78 11.55 -29.21 -11.88
N THR A 79 12.17 -30.08 -12.64
CA THR A 79 11.92 -30.06 -14.10
C THR A 79 10.43 -30.36 -14.42
N THR A 80 9.76 -31.17 -13.61
CA THR A 80 8.30 -31.40 -13.80
C THR A 80 7.48 -30.08 -13.67
N VAL A 81 7.81 -29.30 -12.65
CA VAL A 81 7.13 -28.01 -12.38
C VAL A 81 7.57 -26.99 -13.46
N VAL A 82 8.86 -26.96 -13.80
CA VAL A 82 9.30 -26.03 -14.88
C VAL A 82 8.55 -26.29 -16.22
N ASP A 83 8.48 -27.54 -16.64
CA ASP A 83 7.81 -27.89 -17.89
C ASP A 83 6.35 -27.55 -17.85
N ALA A 84 5.72 -27.77 -16.70
CA ALA A 84 4.31 -27.44 -16.57
C ALA A 84 4.06 -25.93 -16.58
N ALA A 85 4.98 -25.14 -15.97
CA ALA A 85 4.79 -23.66 -15.99
C ALA A 85 4.91 -23.15 -17.44
N ILE A 86 5.89 -23.67 -18.16
CA ILE A 86 6.03 -23.32 -19.57
C ILE A 86 4.75 -23.71 -20.39
N ALA A 87 4.27 -24.92 -20.17
CA ALA A 87 3.03 -25.41 -20.82
C ALA A 87 1.82 -24.57 -20.51
N ASN A 88 1.78 -23.97 -19.29
CA ASN A 88 0.71 -23.08 -18.88
C ASN A 88 0.96 -21.60 -18.99
N ASN A 89 1.99 -21.19 -19.74
CA ASN A 89 2.29 -19.73 -19.86
C ASN A 89 2.41 -19.01 -18.52
N MET A 90 3.22 -19.57 -17.61
CA MET A 90 3.40 -18.99 -16.23
C MET A 90 4.88 -18.84 -16.05
N TYR A 91 5.30 -17.90 -15.20
CA TYR A 91 6.71 -17.77 -14.86
C TYR A 91 7.01 -18.87 -13.82
N VAL A 92 8.28 -19.29 -13.75
CA VAL A 92 8.63 -20.30 -12.77
C VAL A 92 10.02 -19.95 -12.19
N ILE A 93 10.10 -19.95 -10.87
CA ILE A 93 11.39 -19.77 -10.13
C ILE A 93 11.98 -21.15 -9.83
N ILE A 94 13.22 -21.34 -10.23
CA ILE A 94 14.03 -22.52 -9.84
C ILE A 94 14.91 -22.07 -8.66
N ASP A 95 14.56 -22.55 -7.49
CA ASP A 95 15.05 -21.99 -6.22
C ASP A 95 15.96 -23.06 -5.60
N TRP A 96 17.24 -22.69 -5.44
CA TRP A 96 18.23 -23.47 -4.71
C TRP A 96 17.94 -23.18 -3.19
N HIS A 97 17.11 -24.05 -2.60
CA HIS A 97 16.45 -23.74 -1.36
C HIS A 97 17.29 -24.18 -0.15
N SER A 98 18.34 -23.38 0.07
CA SER A 98 19.35 -23.72 1.10
C SER A 98 19.55 -22.52 2.05
N HIS A 99 19.99 -22.80 3.29
CA HIS A 99 20.43 -21.76 4.20
C HIS A 99 21.95 -21.67 4.20
N HIS A 100 22.64 -22.50 3.39
CA HIS A 100 24.10 -22.60 3.46
C HIS A 100 24.70 -22.74 2.02
N ALA A 101 24.08 -22.06 1.08
CA ALA A 101 24.37 -22.27 -0.36
C ALA A 101 25.88 -22.14 -0.72
N GLU A 102 26.58 -21.22 -0.06
CA GLU A 102 28.01 -20.94 -0.32
C GLU A 102 28.92 -22.17 -0.02
N GLN A 103 28.40 -23.08 0.77
CA GLN A 103 29.09 -24.31 1.16
C GLN A 103 28.92 -25.44 0.13
N TYR A 104 28.04 -25.24 -0.84
CA TYR A 104 27.80 -26.20 -1.95
C TYR A 104 27.97 -25.51 -3.29
N GLN A 105 29.02 -24.69 -3.42
CA GLN A 105 29.18 -23.88 -4.62
C GLN A 105 29.31 -24.65 -5.93
N SER A 106 30.13 -25.71 -5.99
CA SER A 106 30.32 -26.45 -7.26
C SER A 106 29.00 -27.08 -7.64
N GLN A 107 28.28 -27.61 -6.63
CA GLN A 107 26.97 -28.30 -6.89
C GLN A 107 25.96 -27.27 -7.41
N ALA A 108 26.00 -26.06 -6.85
CA ALA A 108 25.05 -25.01 -7.29
C ALA A 108 25.39 -24.56 -8.72
N ILE A 109 26.67 -24.38 -9.00
CA ILE A 109 27.09 -24.01 -10.37
C ILE A 109 26.67 -25.09 -11.40
N ALA A 110 26.95 -26.36 -11.08
CA ALA A 110 26.59 -27.45 -11.99
C ALA A 110 25.09 -27.44 -12.25
N PHE A 111 24.31 -27.34 -11.19
CA PHE A 111 22.85 -27.35 -11.26
C PHE A 111 22.32 -26.16 -12.11
N PHE A 112 22.81 -24.93 -11.86
CA PHE A 112 22.30 -23.80 -12.60
C PHE A 112 22.81 -23.80 -14.03
N LYS A 113 23.97 -24.37 -14.25
CA LYS A 113 24.45 -24.50 -15.65
C LYS A 113 23.53 -25.46 -16.43
N GLU A 114 23.20 -26.62 -15.84
CA GLU A 114 22.26 -27.57 -16.49
C GLU A 114 20.90 -26.91 -16.74
N MET A 115 20.39 -26.18 -15.77
CA MET A 115 19.09 -25.50 -15.97
C MET A 115 19.15 -24.42 -17.08
N ALA A 116 20.22 -23.64 -17.11
CA ALA A 116 20.31 -22.49 -18.01
C ALA A 116 20.46 -23.11 -19.41
N THR A 117 21.15 -24.25 -19.47
CA THR A 117 21.31 -24.88 -20.76
C THR A 117 19.97 -25.42 -21.29
N LYS A 118 19.18 -26.00 -20.41
CA LYS A 118 17.97 -26.70 -20.87
C LYS A 118 16.90 -25.60 -21.16
N TYR A 119 16.83 -24.59 -20.30
CA TYR A 119 15.68 -23.66 -20.23
C TYR A 119 15.96 -22.22 -20.54
N GLY A 120 17.22 -21.85 -20.77
CA GLY A 120 17.55 -20.45 -20.87
C GLY A 120 16.89 -19.74 -22.05
N ASN A 121 16.36 -20.48 -23.02
CA ASN A 121 15.66 -19.78 -24.11
C ASN A 121 14.17 -19.57 -23.88
N ASN A 122 13.68 -19.97 -22.72
CA ASN A 122 12.30 -19.71 -22.32
C ASN A 122 12.25 -18.46 -21.46
N ASN A 123 11.42 -17.47 -21.83
CA ASN A 123 11.20 -16.30 -20.96
C ASN A 123 10.61 -16.59 -19.57
N ASN A 124 10.04 -17.77 -19.38
CA ASN A 124 9.35 -18.09 -18.13
C ASN A 124 10.25 -18.24 -16.90
N VAL A 125 11.50 -18.65 -17.13
CA VAL A 125 12.39 -19.13 -16.06
C VAL A 125 13.13 -17.98 -15.32
N ILE A 126 13.18 -18.11 -14.01
CA ILE A 126 13.86 -17.16 -13.14
C ILE A 126 14.76 -18.02 -12.23
N TYR A 127 16.02 -17.61 -12.05
CA TYR A 127 16.94 -18.40 -11.20
C TYR A 127 17.09 -17.78 -9.82
N GLU A 128 16.82 -18.55 -8.77
CA GLU A 128 16.94 -18.01 -7.43
C GLU A 128 18.08 -18.89 -6.78
N ILE A 129 19.20 -18.27 -6.52
CA ILE A 129 20.46 -19.05 -6.31
C ILE A 129 20.83 -19.29 -4.82
N TYR A 130 20.07 -18.69 -3.89
CA TYR A 130 20.35 -18.77 -2.44
C TYR A 130 19.12 -18.33 -1.62
N ASN A 131 18.19 -19.27 -1.41
CA ASN A 131 16.88 -18.98 -0.75
C ASN A 131 17.03 -17.95 0.43
N GLU A 132 17.68 -18.40 1.54
CA GLU A 132 17.65 -17.63 2.82
C GLU A 132 19.01 -17.76 3.52
N PRO A 133 19.97 -16.90 3.13
CA PRO A 133 21.17 -16.82 4.00
C PRO A 133 20.79 -16.53 5.43
N LEU A 134 21.67 -16.92 6.37
CA LEU A 134 21.38 -16.69 7.79
C LEU A 134 22.01 -15.38 8.25
N GLN A 135 22.47 -15.28 9.50
CA GLN A 135 23.08 -14.01 9.96
C GLN A 135 24.54 -13.99 9.53
N VAL A 136 24.78 -13.78 8.25
CA VAL A 136 26.12 -13.89 7.65
C VAL A 136 26.38 -12.62 6.86
N SER A 137 27.65 -12.34 6.58
CA SER A 137 28.06 -11.17 5.90
C SER A 137 27.66 -11.12 4.41
N TRP A 138 27.04 -9.99 4.01
CA TRP A 138 26.74 -9.77 2.58
C TRP A 138 28.08 -9.77 1.82
N SER A 139 29.02 -8.93 2.24
CA SER A 139 30.22 -8.77 1.38
C SER A 139 31.19 -9.96 1.38
N SER A 140 31.21 -10.68 2.49
CA SER A 140 32.23 -11.72 2.69
C SER A 140 31.64 -13.13 2.62
N VAL A 141 30.32 -13.26 2.66
CA VAL A 141 29.71 -14.63 2.49
C VAL A 141 28.85 -14.69 1.21
N ILE A 142 27.77 -13.93 1.14
CA ILE A 142 26.78 -14.08 0.04
C ILE A 142 27.28 -13.55 -1.31
N LYS A 143 27.80 -12.30 -1.34
CA LYS A 143 28.10 -11.59 -2.59
C LYS A 143 29.14 -12.37 -3.41
N PRO A 144 30.22 -12.89 -2.72
CA PRO A 144 31.23 -13.64 -3.51
C PRO A 144 30.71 -14.93 -4.11
N TYR A 145 29.91 -15.67 -3.37
CA TYR A 145 29.22 -16.89 -3.93
C TYR A 145 28.23 -16.45 -5.05
N ALA A 146 27.50 -15.33 -4.84
CA ALA A 146 26.44 -15.00 -5.78
C ALA A 146 27.16 -14.59 -7.10
N THR A 147 28.24 -13.85 -6.95
CA THR A 147 29.00 -13.47 -8.13
C THR A 147 29.54 -14.64 -8.96
N ALA A 148 30.09 -15.65 -8.28
CA ALA A 148 30.57 -16.86 -8.92
C ALA A 148 29.46 -17.61 -9.68
N VAL A 149 28.28 -17.74 -9.06
CA VAL A 149 27.20 -18.47 -9.72
C VAL A 149 26.61 -17.67 -10.87
N ILE A 150 26.46 -16.38 -10.66
CA ILE A 150 25.96 -15.50 -11.74
C ILE A 150 26.89 -15.49 -12.97
N ALA A 151 28.21 -15.38 -12.72
CA ALA A 151 29.17 -15.44 -13.84
C ALA A 151 28.85 -16.68 -14.72
N GLU A 152 28.64 -17.83 -14.08
CA GLU A 152 28.42 -19.06 -14.84
C GLU A 152 27.07 -19.14 -15.59
N ILE A 153 26.01 -18.71 -14.93
CA ILE A 153 24.72 -18.64 -15.60
C ILE A 153 24.77 -17.73 -16.84
N ARG A 154 25.37 -16.53 -16.65
CA ARG A 154 25.36 -15.51 -17.71
C ARG A 154 26.19 -15.88 -18.91
N LYS A 155 27.12 -16.82 -18.75
CA LYS A 155 27.85 -17.35 -19.95
C LYS A 155 26.95 -18.21 -20.89
N ILE A 156 25.90 -18.75 -20.32
CA ILE A 156 24.92 -19.56 -21.05
C ILE A 156 23.62 -18.81 -21.37
N ASP A 157 23.02 -18.17 -20.35
CA ASP A 157 21.72 -17.45 -20.46
C ASP A 157 22.03 -15.97 -20.10
N PRO A 158 22.22 -15.12 -21.12
CA PRO A 158 22.62 -13.76 -20.90
C PRO A 158 21.49 -12.90 -20.27
N ASP A 159 20.24 -13.39 -20.18
CA ASP A 159 19.08 -12.49 -19.99
C ASP A 159 18.18 -12.79 -18.83
N ASN A 160 17.81 -14.06 -18.65
CA ASN A 160 16.75 -14.34 -17.67
C ASN A 160 17.13 -13.90 -16.23
N LEU A 161 16.13 -13.47 -15.49
CA LEU A 161 16.33 -12.90 -14.17
C LEU A 161 17.01 -13.83 -13.20
N ILE A 162 17.99 -13.27 -12.48
CA ILE A 162 18.56 -13.98 -11.32
C ILE A 162 18.26 -13.20 -10.09
N VAL A 163 17.73 -13.88 -9.06
CA VAL A 163 17.38 -13.22 -7.79
C VAL A 163 18.30 -13.77 -6.69
N VAL A 164 18.93 -12.84 -5.92
CA VAL A 164 19.99 -13.15 -4.99
C VAL A 164 19.50 -12.90 -3.53
N GLY A 165 19.65 -13.96 -2.73
CA GLY A 165 19.31 -13.97 -1.30
C GLY A 165 20.11 -12.94 -0.51
N THR A 166 19.52 -12.43 0.56
CA THR A 166 20.18 -11.39 1.36
C THR A 166 20.32 -11.83 2.84
N PRO A 167 21.15 -11.13 3.65
CA PRO A 167 21.34 -11.61 5.01
C PRO A 167 20.07 -11.66 5.86
N THR A 168 20.16 -12.48 6.87
CA THR A 168 19.16 -12.54 7.93
C THR A 168 17.81 -13.02 7.39
N TRP A 169 17.79 -14.26 6.88
CA TRP A 169 16.58 -14.82 6.20
C TRP A 169 16.04 -13.92 5.04
N SER A 170 16.97 -13.36 4.25
CA SER A 170 16.61 -12.44 3.16
C SER A 170 15.80 -11.24 3.62
N GLN A 171 16.21 -10.63 4.73
CA GLN A 171 15.61 -9.39 5.22
C GLN A 171 16.46 -8.19 4.87
N ASP A 172 17.79 -8.37 4.87
CA ASP A 172 18.69 -7.22 4.87
C ASP A 172 19.00 -6.68 3.45
N VAL A 173 17.93 -6.27 2.75
CA VAL A 173 18.09 -5.80 1.38
C VAL A 173 18.81 -4.43 1.40
N ASP A 174 18.70 -3.70 2.51
CA ASP A 174 19.38 -2.39 2.64
C ASP A 174 20.89 -2.57 2.73
N VAL A 175 21.27 -3.74 3.23
CA VAL A 175 22.76 -4.05 3.29
C VAL A 175 23.26 -4.32 1.88
N ALA A 176 22.52 -5.15 1.13
CA ALA A 176 22.92 -5.41 -0.27
C ALA A 176 22.92 -4.09 -1.09
N ALA A 177 21.98 -3.19 -0.83
CA ALA A 177 21.92 -1.93 -1.57
C ALA A 177 23.16 -1.04 -1.38
N ASN A 178 23.80 -1.16 -0.23
CA ASN A 178 25.03 -0.43 0.01
C ASN A 178 26.24 -1.06 -0.73
N ASP A 179 26.09 -2.29 -1.24
CA ASP A 179 27.22 -2.90 -1.97
C ASP A 179 26.68 -3.83 -3.09
N PRO A 180 26.02 -3.23 -4.09
CA PRO A 180 25.24 -4.07 -5.06
C PRO A 180 26.15 -4.86 -5.96
N ILE A 181 25.61 -5.93 -6.58
CA ILE A 181 26.43 -6.69 -7.59
C ILE A 181 26.27 -5.84 -8.88
N THR A 182 27.37 -5.35 -9.44
CA THR A 182 27.34 -4.54 -10.64
C THR A 182 27.81 -5.37 -11.85
N GLY A 183 27.51 -4.89 -13.06
CA GLY A 183 28.12 -5.43 -14.31
C GLY A 183 27.38 -6.58 -14.99
N TYR A 184 26.52 -7.24 -14.25
CA TYR A 184 25.69 -8.29 -14.87
C TYR A 184 24.26 -7.82 -15.09
N ALA A 185 23.68 -8.25 -16.20
CA ALA A 185 22.30 -7.86 -16.58
C ALA A 185 21.26 -8.55 -15.67
N ASN A 186 20.18 -7.84 -15.39
CA ASN A 186 18.93 -8.39 -14.80
C ASN A 186 19.12 -9.21 -13.55
N ILE A 187 19.52 -8.52 -12.47
CA ILE A 187 19.82 -9.14 -11.17
C ILE A 187 18.92 -8.45 -10.21
N ALA A 188 18.10 -9.22 -9.48
CA ALA A 188 17.31 -8.60 -8.40
C ALA A 188 17.68 -9.25 -7.08
N TYR A 189 17.14 -8.69 -6.00
CA TYR A 189 17.52 -9.09 -4.60
C TYR A 189 16.31 -9.54 -3.82
N THR A 190 16.49 -10.65 -3.08
CA THR A 190 15.36 -11.28 -2.34
C THR A 190 14.97 -10.53 -1.07
N LEU A 191 13.66 -10.34 -0.89
CA LEU A 191 13.09 -9.90 0.37
C LEU A 191 12.09 -10.98 0.75
N HIS A 192 12.23 -11.53 1.96
CA HIS A 192 11.20 -12.43 2.55
C HIS A 192 10.57 -11.80 3.75
N PHE A 193 9.24 -11.85 3.81
CA PHE A 193 8.58 -11.43 5.07
C PHE A 193 7.48 -12.37 5.46
N TYR A 194 7.18 -12.40 6.76
CA TYR A 194 6.05 -13.15 7.31
C TYR A 194 5.28 -12.09 8.12
N ALA A 195 4.04 -11.84 7.73
CA ALA A 195 3.23 -10.75 8.33
C ALA A 195 2.96 -10.85 9.85
N GLY A 196 2.91 -12.05 10.38
CA GLY A 196 2.80 -12.19 11.84
C GLY A 196 4.05 -11.81 12.64
N THR A 197 5.21 -11.75 11.97
CA THR A 197 6.51 -11.42 12.60
C THR A 197 7.05 -10.04 12.15
N HIS A 198 6.89 -9.68 10.88
CA HIS A 198 7.59 -8.51 10.25
C HIS A 198 6.59 -7.45 9.80
N GLY A 199 6.83 -6.20 10.15
CA GLY A 199 5.92 -5.11 9.73
C GLY A 199 6.75 -3.90 9.24
N GLN A 200 6.42 -2.73 9.78
CA GLN A 200 6.96 -1.47 9.31
C GLN A 200 8.48 -1.38 9.32
N SER A 201 9.18 -1.91 10.32
CA SER A 201 10.66 -1.78 10.33
C SER A 201 11.29 -2.48 9.15
N LEU A 202 10.70 -3.59 8.74
CA LEU A 202 11.20 -4.25 7.52
C LEU A 202 10.82 -3.52 6.23
N ARG A 203 9.61 -2.95 6.15
CA ARG A 203 9.29 -2.13 4.96
C ARG A 203 10.24 -0.94 4.85
N ASN A 204 10.64 -0.40 6.01
CA ASN A 204 11.59 0.71 5.99
C ASN A 204 12.89 0.31 5.40
N LYS A 205 13.41 -0.88 5.74
CA LYS A 205 14.65 -1.29 5.07
C LYS A 205 14.44 -1.54 3.58
N ALA A 206 13.31 -2.15 3.19
CA ALA A 206 13.06 -2.34 1.75
C ALA A 206 12.98 -0.95 1.04
N SER A 207 12.30 0.04 1.66
CA SER A 207 12.27 1.42 1.07
C SER A 207 13.67 2.04 0.88
N THR A 208 14.53 1.88 1.89
CA THR A 208 15.92 2.31 1.77
C THR A 208 16.65 1.67 0.61
N ALA A 209 16.53 0.35 0.51
CA ALA A 209 17.12 -0.40 -0.63
C ALA A 209 16.65 0.12 -1.99
N LEU A 210 15.31 0.30 -2.14
CA LEU A 210 14.75 0.75 -3.42
C LEU A 210 15.26 2.17 -3.68
N SER A 211 15.35 2.98 -2.63
CA SER A 211 15.86 4.39 -2.76
CA SER A 211 15.85 4.39 -2.81
C SER A 211 17.31 4.46 -3.27
N LYS A 212 18.10 3.41 -2.93
CA LYS A 212 19.51 3.31 -3.35
C LYS A 212 19.66 2.61 -4.71
N GLY A 213 18.54 2.29 -5.37
CA GLY A 213 18.61 1.88 -6.76
C GLY A 213 18.54 0.38 -7.04
N ILE A 214 18.28 -0.45 -6.03
CA ILE A 214 18.22 -1.92 -6.36
C ILE A 214 16.84 -2.46 -6.47
N PRO A 215 16.61 -3.43 -7.38
CA PRO A 215 15.28 -4.00 -7.58
C PRO A 215 15.06 -5.19 -6.64
N LEU A 216 13.85 -5.34 -6.12
CA LEU A 216 13.53 -6.38 -5.15
C LEU A 216 12.51 -7.33 -5.76
N PHE A 217 12.53 -8.55 -5.27
CA PHE A 217 11.55 -9.58 -5.62
C PHE A 217 11.26 -10.40 -4.33
N VAL A 218 9.98 -10.53 -3.97
CA VAL A 218 9.57 -11.27 -2.75
C VAL A 218 9.37 -12.74 -3.23
N THR A 219 10.44 -13.52 -3.21
CA THR A 219 10.30 -14.92 -3.70
C THR A 219 9.57 -15.78 -2.67
N GLU A 220 9.41 -15.27 -1.44
CA GLU A 220 8.70 -16.02 -0.41
C GLU A 220 8.06 -15.06 0.57
N TRP A 221 6.76 -15.21 0.85
CA TRP A 221 6.13 -14.37 1.96
C TRP A 221 4.99 -15.16 2.56
N GLY A 222 4.75 -14.95 3.84
CA GLY A 222 3.64 -15.67 4.46
C GLY A 222 2.80 -14.69 5.24
N SER A 223 1.56 -15.10 5.52
CA SER A 223 0.67 -14.22 6.30
C SER A 223 0.71 -14.55 7.77
N VAL A 224 1.50 -15.59 8.12
CA VAL A 224 1.54 -16.11 9.51
C VAL A 224 2.90 -15.73 10.14
N ASN A 225 3.34 -16.47 11.17
CA ASN A 225 4.69 -16.20 11.80
C ASN A 225 5.83 -16.71 10.94
N ALA A 226 7.03 -16.18 11.19
CA ALA A 226 8.20 -16.52 10.42
C ALA A 226 8.53 -18.03 10.50
N ASP A 227 8.11 -18.73 11.57
CA ASP A 227 8.40 -20.16 11.57
C ASP A 227 7.33 -20.97 10.82
N GLY A 228 6.36 -20.32 10.17
CA GLY A 228 5.33 -21.03 9.37
C GLY A 228 4.11 -21.42 10.21
N GLY A 229 4.14 -21.02 11.49
CA GLY A 229 3.11 -21.42 12.45
C GLY A 229 2.24 -20.20 12.73
N GLY A 230 1.19 -20.40 13.51
CA GLY A 230 0.43 -19.24 14.04
C GLY A 230 -0.76 -18.78 13.23
N SER A 231 -1.31 -17.65 13.64
CA SER A 231 -2.51 -17.06 13.04
C SER A 231 -2.22 -16.17 11.86
N VAL A 232 -3.16 -16.06 10.93
CA VAL A 232 -3.01 -15.13 9.81
C VAL A 232 -3.11 -13.67 10.35
N ALA A 233 -2.14 -12.84 10.00
CA ALA A 233 -2.13 -11.42 10.38
C ALA A 233 -2.74 -10.70 9.18
N THR A 234 -4.08 -10.65 9.10
CA THR A 234 -4.77 -10.06 7.92
C THR A 234 -4.41 -8.59 7.66
N ALA A 235 -4.42 -7.79 8.70
CA ALA A 235 -4.19 -6.33 8.49
C ALA A 235 -2.77 -6.04 8.09
N GLU A 236 -1.82 -6.68 8.76
CA GLU A 236 -0.37 -6.50 8.42
C GLU A 236 -0.07 -7.02 6.99
N THR A 237 -0.67 -8.16 6.62
CA THR A 237 -0.55 -8.64 5.25
C THR A 237 -1.06 -7.61 4.19
N ASN A 238 -2.22 -7.02 4.44
CA ASN A 238 -2.70 -5.91 3.60
C ASN A 238 -1.76 -4.74 3.41
N SER A 239 -1.12 -4.30 4.50
CA SER A 239 -0.10 -3.23 4.47
C SER A 239 1.06 -3.71 3.60
N TRP A 240 1.51 -4.98 3.74
CA TRP A 240 2.57 -5.46 2.84
C TRP A 240 2.15 -5.51 1.31
N VAL A 241 0.93 -5.96 1.05
CA VAL A 241 0.42 -5.99 -0.31
C VAL A 241 0.39 -4.55 -0.88
N SER A 242 -0.01 -3.57 -0.07
CA SER A 242 -0.03 -2.19 -0.51
C SER A 242 1.40 -1.75 -0.91
N PHE A 243 2.34 -2.12 -0.06
CA PHE A 243 3.74 -1.79 -0.31
C PHE A 243 4.26 -2.47 -1.58
N MET A 244 3.94 -3.75 -1.77
CA MET A 244 4.36 -4.48 -2.97
C MET A 244 3.78 -3.92 -4.25
N LYS A 245 2.48 -3.58 -4.24
CA LYS A 245 1.87 -3.05 -5.43
C LYS A 245 2.39 -1.65 -5.73
N THR A 246 2.61 -0.84 -4.70
CA THR A 246 3.21 0.51 -4.87
C THR A 246 4.49 0.48 -5.64
N ASN A 247 5.33 -0.49 -5.28
CA ASN A 247 6.68 -0.56 -5.82
C ASN A 247 6.89 -1.61 -6.91
N ASN A 248 5.79 -2.07 -7.48
CA ASN A 248 5.79 -3.22 -8.46
C ASN A 248 6.72 -4.37 -8.08
N ILE A 249 6.47 -4.86 -6.87
CA ILE A 249 7.24 -5.99 -6.33
C ILE A 249 6.52 -7.31 -6.54
N SER A 250 7.13 -8.16 -7.36
CA SER A 250 6.58 -9.49 -7.65
C SER A 250 6.67 -10.42 -6.41
N ASN A 251 5.83 -11.46 -6.31
CA ASN A 251 5.78 -12.16 -4.99
C ASN A 251 5.21 -13.58 -5.13
N ALA A 252 5.69 -14.49 -4.26
CA ALA A 252 5.25 -15.90 -4.28
C ALA A 252 4.87 -16.29 -2.83
N ASN A 253 3.64 -16.74 -2.59
CA ASN A 253 3.22 -17.00 -1.19
C ASN A 253 3.66 -18.38 -0.71
N TRP A 254 4.15 -18.50 0.54
CA TRP A 254 4.58 -19.81 1.12
C TRP A 254 3.42 -20.28 2.05
N ALA A 255 2.89 -21.51 1.92
CA ALA A 255 3.30 -22.48 0.90
C ALA A 255 2.09 -23.20 0.35
N LEU A 256 2.22 -23.55 -0.92
CA LEU A 256 1.20 -24.43 -1.53
C LEU A 256 1.49 -25.84 -1.06
N ASN A 257 0.79 -26.23 0.03
CA ASN A 257 1.10 -27.45 0.79
C ASN A 257 -0.05 -27.72 1.77
N ASP A 258 -0.13 -28.94 2.30
CA ASP A 258 -1.25 -29.25 3.18
C ASP A 258 -0.80 -29.75 4.56
N LYS A 259 0.44 -29.44 4.96
CA LYS A 259 0.90 -29.76 6.35
C LYS A 259 0.03 -29.01 7.36
N ALA A 260 -0.21 -29.59 8.55
CA ALA A 260 -0.98 -28.91 9.60
C ALA A 260 -0.14 -27.78 10.28
N GLU A 261 0.22 -26.76 9.50
CA GLU A 261 0.77 -25.50 10.06
C GLU A 261 0.02 -24.31 9.43
N GLY A 262 0.09 -23.16 10.09
CA GLY A 262 -0.59 -21.94 9.67
C GLY A 262 -0.20 -21.51 8.23
N ALA A 263 1.05 -21.69 7.79
CA ALA A 263 1.43 -21.16 6.45
C ALA A 263 0.86 -22.02 5.28
N SER A 264 0.42 -23.25 5.57
CA SER A 264 -0.06 -24.11 4.47
C SER A 264 -1.30 -23.51 3.86
N ALA A 265 -1.32 -23.38 2.55
CA ALA A 265 -2.53 -22.81 1.83
C ALA A 265 -3.70 -23.78 1.88
N LEU A 266 -3.41 -25.09 1.99
CA LEU A 266 -4.48 -26.13 1.86
C LEU A 266 -4.70 -26.94 3.14
N VAL A 267 -5.95 -27.34 3.35
CA VAL A 267 -6.30 -28.19 4.48
C VAL A 267 -5.80 -29.60 4.19
N SER A 268 -5.29 -30.27 5.22
CA SER A 268 -4.65 -31.56 5.04
C SER A 268 -5.55 -32.58 4.28
N GLY A 269 -4.95 -33.19 3.25
CA GLY A 269 -5.66 -34.10 2.33
C GLY A 269 -6.05 -33.49 0.98
N ALA A 270 -5.97 -32.16 0.84
CA ALA A 270 -6.33 -31.46 -0.37
C ALA A 270 -5.69 -32.16 -1.58
N SER A 271 -6.50 -32.48 -2.60
CA SER A 271 -5.99 -33.35 -3.70
C SER A 271 -4.74 -32.78 -4.39
N ALA A 272 -3.74 -33.62 -4.59
CA ALA A 272 -2.59 -33.34 -5.45
C ALA A 272 -2.96 -33.09 -6.92
N ASN A 273 -4.21 -33.41 -7.32
CA ASN A 273 -4.72 -33.19 -8.67
C ASN A 273 -5.32 -31.79 -8.80
N GLY A 274 -5.27 -31.01 -7.69
CA GLY A 274 -5.89 -29.66 -7.67
C GLY A 274 -7.42 -29.76 -7.58
N GLY A 275 -8.14 -28.74 -8.12
CA GLY A 275 -9.65 -28.70 -8.07
C GLY A 275 -10.24 -28.34 -6.71
N TRP A 276 -9.44 -27.71 -5.84
CA TRP A 276 -9.90 -27.43 -4.47
C TRP A 276 -11.07 -26.49 -4.42
N THR A 277 -12.03 -26.76 -3.51
CA THR A 277 -13.10 -25.84 -3.31
C THR A 277 -12.73 -24.96 -2.10
N SER A 278 -13.63 -24.01 -1.76
CA SER A 278 -13.35 -22.99 -0.72
C SER A 278 -12.99 -23.67 0.54
N SER A 279 -13.68 -24.77 0.95
CA SER A 279 -13.35 -25.25 2.28
C SER A 279 -12.04 -26.01 2.39
N GLN A 280 -11.38 -26.26 1.26
CA GLN A 280 -10.09 -26.94 1.29
C GLN A 280 -8.97 -25.93 1.43
N LEU A 281 -9.30 -24.63 1.43
CA LEU A 281 -8.28 -23.58 1.68
C LEU A 281 -8.31 -23.16 3.15
N THR A 282 -7.12 -23.06 3.72
CA THR A 282 -6.95 -22.64 5.10
C THR A 282 -7.20 -21.11 5.17
N ALA A 283 -7.11 -20.54 6.38
CA ALA A 283 -7.24 -19.08 6.51
C ALA A 283 -6.15 -18.42 5.62
N SER A 284 -4.91 -18.96 5.69
CA SER A 284 -3.81 -18.39 4.90
C SER A 284 -4.03 -18.56 3.39
N GLY A 285 -4.55 -19.72 3.01
CA GLY A 285 -4.78 -20.02 1.55
C GLY A 285 -5.89 -19.14 0.95
N THR A 286 -6.94 -18.90 1.74
CA THR A 286 -8.05 -18.04 1.37
C THR A 286 -7.58 -16.62 1.13
N LEU A 287 -6.81 -16.09 2.08
CA LEU A 287 -6.21 -14.77 1.91
C LEU A 287 -5.23 -14.73 0.70
N ALA A 288 -4.38 -15.74 0.53
CA ALA A 288 -3.41 -15.73 -0.61
C ALA A 288 -4.14 -15.78 -1.96
N LYS A 289 -5.19 -16.58 -2.05
CA LYS A 289 -5.96 -16.63 -3.34
C LYS A 289 -6.60 -15.29 -3.67
N SER A 290 -7.15 -14.66 -2.64
CA SER A 290 -7.68 -13.31 -2.77
C SER A 290 -6.63 -12.34 -3.35
N ILE A 291 -5.43 -12.38 -2.78
CA ILE A 291 -4.39 -11.43 -3.22
C ILE A 291 -3.95 -11.75 -4.65
N ILE A 292 -3.70 -13.04 -4.91
CA ILE A 292 -3.17 -13.45 -6.21
C ILE A 292 -4.21 -13.22 -7.34
N SER A 293 -5.43 -13.60 -7.06
CA SER A 293 -6.56 -13.45 -8.02
CA SER A 293 -6.48 -13.47 -8.09
C SER A 293 -6.80 -12.00 -8.37
N GLY A 294 -6.52 -11.10 -7.41
CA GLY A 294 -6.77 -9.66 -7.61
C GLY A 294 -5.60 -8.83 -8.14
N TRP A 295 -4.49 -9.49 -8.40
CA TRP A 295 -3.24 -8.77 -8.67
C TRP A 295 -3.38 -8.08 -10.02
N PRO A 296 -2.93 -6.81 -10.12
CA PRO A 296 -2.96 -6.09 -11.42
C PRO A 296 -2.10 -6.59 -12.61
N MET B 1 7.14 2.97 -0.54
CA MET B 1 7.34 4.19 0.38
C MET B 1 5.96 4.76 0.92
N VAL B 2 5.42 5.85 0.31
CA VAL B 2 4.03 6.41 0.55
C VAL B 2 3.12 5.92 -0.62
N ALA B 3 2.17 5.08 -0.32
CA ALA B 3 1.41 4.42 -1.41
C ALA B 3 0.53 5.41 -2.19
N PRO B 4 0.39 5.24 -3.53
CA PRO B 4 -0.55 6.08 -4.25
C PRO B 4 -2.00 5.77 -3.84
N ILE B 5 -2.85 6.81 -3.79
CA ILE B 5 -4.28 6.69 -3.55
C ILE B 5 -5.03 6.67 -4.88
N THR B 6 -5.92 5.67 -5.04
CA THR B 6 -6.79 5.54 -6.24
C THR B 6 -8.23 5.29 -5.77
N THR B 7 -9.19 5.35 -6.71
CA THR B 7 -10.48 4.81 -6.36
C THR B 7 -10.83 3.64 -7.26
N SER B 8 -11.61 2.72 -6.72
CA SER B 8 -12.18 1.61 -7.53
C SER B 8 -13.59 1.40 -6.97
N GLY B 9 -14.63 1.76 -7.73
CA GLY B 9 -16.01 1.69 -7.16
C GLY B 9 -16.11 2.48 -5.86
N ASN B 10 -16.74 1.91 -4.82
CA ASN B 10 -16.83 2.68 -3.58
C ASN B 10 -15.56 2.62 -2.68
N LYS B 11 -14.42 2.14 -3.21
CA LYS B 11 -13.21 1.98 -2.38
C LYS B 11 -12.19 3.06 -2.65
N VAL B 12 -11.68 3.65 -1.60
CA VAL B 12 -10.50 4.49 -1.73
C VAL B 12 -9.36 3.55 -1.34
N LEU B 13 -8.57 3.21 -2.35
CA LEU B 13 -7.42 2.28 -2.28
C LEU B 13 -6.08 3.00 -2.03
N PHE B 14 -5.23 2.32 -1.25
CA PHE B 14 -3.87 2.75 -1.02
C PHE B 14 -2.95 1.66 -1.58
N GLY B 15 -2.18 2.02 -2.59
CA GLY B 15 -1.39 1.01 -3.29
C GLY B 15 -2.27 -0.18 -3.76
N GLY B 16 -3.46 0.08 -4.31
CA GLY B 16 -4.27 -0.99 -4.91
C GLY B 16 -4.99 -1.82 -3.89
N GLN B 17 -4.83 -1.50 -2.62
CA GLN B 17 -5.42 -2.26 -1.53
C GLN B 17 -6.43 -1.50 -0.69
N GLN B 18 -7.45 -2.22 -0.18
CA GLN B 18 -8.46 -1.52 0.67
C GLN B 18 -7.76 -1.10 1.95
N GLY B 19 -8.07 0.08 2.45
CA GLY B 19 -7.38 0.58 3.69
C GLY B 19 -7.85 2.00 3.92
N SER B 20 -7.36 2.63 4.98
CA SER B 20 -7.83 4.00 5.27
C SER B 20 -6.80 4.59 6.23
N ILE B 21 -6.80 5.92 6.31
CA ILE B 21 -5.83 6.66 7.16
C ILE B 21 -6.60 7.63 7.98
N ALA B 22 -6.02 8.02 9.12
CA ALA B 22 -6.65 8.98 10.00
C ALA B 22 -5.68 10.07 10.32
N GLY B 23 -6.23 11.29 10.41
CA GLY B 23 -5.41 12.44 10.81
C GLY B 23 -6.25 13.64 11.23
N ASN B 24 -5.68 14.83 10.96
CA ASN B 24 -6.07 16.10 11.58
C ASN B 24 -6.37 17.14 10.49
N SER B 25 -7.51 17.87 10.59
CA SER B 25 -7.63 19.17 9.84
C SER B 25 -7.19 20.32 10.74
N PHE B 26 -6.33 21.19 10.20
CA PHE B 26 -6.08 22.51 10.76
C PHE B 26 -7.40 23.29 10.67
N PHE B 27 -7.51 24.34 11.47
CA PHE B 27 -8.60 25.27 11.38
C PHE B 27 -8.38 26.14 10.13
N TRP B 28 -9.39 26.97 9.80
CA TRP B 28 -9.20 28.02 8.71
C TRP B 28 -7.78 28.59 8.79
N SER B 29 -7.16 28.74 7.60
CA SER B 29 -5.81 29.35 7.49
C SER B 29 -5.86 30.89 7.62
N ASN B 30 -7.06 31.45 7.66
CA ASN B 30 -7.26 32.90 7.44
C ASN B 30 -6.50 33.78 8.36
N THR B 31 -5.93 34.85 7.82
CA THR B 31 -5.22 35.85 8.64
C THR B 31 -6.17 36.42 9.70
N GLY B 32 -5.74 36.37 10.96
CA GLY B 32 -6.57 36.93 12.03
C GLY B 32 -7.56 35.99 12.70
N TRP B 33 -7.77 34.80 12.12
CA TRP B 33 -8.74 33.83 12.69
C TRP B 33 -8.17 32.86 13.72
N GLY B 34 -6.88 32.98 14.02
CA GLY B 34 -6.32 32.27 15.18
C GLY B 34 -5.87 30.82 15.00
N GLY B 35 -6.15 30.16 13.84
CA GLY B 35 -5.69 28.80 13.62
C GLY B 35 -4.40 28.81 12.76
N GLU B 36 -4.09 29.98 12.16
CA GLU B 36 -2.97 30.02 11.19
C GLU B 36 -1.60 29.72 11.90
N LYS B 37 -1.54 29.95 13.21
CA LYS B 37 -0.32 29.71 13.95
C LYS B 37 0.19 28.27 13.87
N TYR B 38 -0.72 27.32 13.66
CA TYR B 38 -0.36 25.89 13.64
C TYR B 38 0.15 25.39 12.25
N TYR B 39 0.15 26.27 11.26
CA TYR B 39 0.57 25.90 9.88
C TYR B 39 2.10 25.91 9.82
N ASN B 40 2.79 24.94 10.45
CA ASN B 40 4.28 24.95 10.42
C ASN B 40 4.81 23.54 10.54
N ALA B 41 6.07 23.37 10.14
CA ALA B 41 6.60 22.01 10.08
C ALA B 41 6.72 21.37 11.51
N GLN B 42 6.86 22.18 12.58
CA GLN B 42 7.07 21.59 13.88
C GLN B 42 5.79 20.93 14.36
N THR B 43 4.65 21.57 14.14
CA THR B 43 3.37 20.93 14.48
C THR B 43 3.12 19.65 13.61
N VAL B 44 3.46 19.71 12.33
CA VAL B 44 3.24 18.54 11.42
C VAL B 44 4.09 17.39 11.92
N ALA B 45 5.37 17.66 12.20
CA ALA B 45 6.20 16.59 12.77
C ALA B 45 5.71 16.03 14.13
N TRP B 46 5.30 16.93 15.01
CA TRP B 46 4.74 16.48 16.29
C TRP B 46 3.51 15.56 16.13
N LEU B 47 2.63 15.91 15.20
CA LEU B 47 1.42 15.08 14.97
C LEU B 47 1.85 13.68 14.51
N LYS B 48 2.91 13.62 13.73
CA LYS B 48 3.49 12.31 13.33
C LYS B 48 4.11 11.56 14.49
N SER B 49 4.99 12.24 15.26
CA SER B 49 5.77 11.61 16.34
C SER B 49 4.89 11.20 17.54
N ASP B 50 3.98 12.06 17.94
CA ASP B 50 3.21 11.90 19.15
C ASP B 50 1.80 11.36 18.95
N TRP B 51 1.13 11.78 17.87
CA TRP B 51 -0.21 11.24 17.61
C TRP B 51 -0.22 10.06 16.62
N LYS B 52 0.89 9.80 15.94
CA LYS B 52 0.96 8.78 14.88
C LYS B 52 0.03 9.13 13.69
N SER B 53 -0.16 10.43 13.49
CA SER B 53 -1.02 10.91 12.44
C SER B 53 -0.45 10.58 11.03
N SER B 54 -1.34 10.11 10.13
CA SER B 54 -0.96 9.81 8.72
C SER B 54 -1.34 10.94 7.75
N LEU B 55 -1.99 11.99 8.26
CA LEU B 55 -2.79 12.90 7.39
C LEU B 55 -2.94 14.25 8.01
N VAL B 56 -2.59 15.30 7.28
CA VAL B 56 -2.95 16.66 7.73
C VAL B 56 -3.74 17.39 6.58
N ARG B 57 -4.69 18.25 6.96
CA ARG B 57 -5.49 18.99 5.95
C ARG B 57 -5.25 20.49 6.11
N ALA B 58 -4.75 21.12 5.05
CA ALA B 58 -4.54 22.56 5.07
C ALA B 58 -5.85 23.20 4.57
N ALA B 59 -6.64 23.77 5.52
CA ALA B 59 -7.95 24.37 5.25
C ALA B 59 -7.84 25.86 4.82
N MET B 60 -7.52 26.06 3.52
CA MET B 60 -7.20 27.38 3.10
C MET B 60 -8.44 28.22 2.85
N GLY B 61 -8.67 29.24 3.69
CA GLY B 61 -9.85 30.15 3.52
C GLY B 61 -9.71 30.85 2.16
N VAL B 62 -10.86 31.16 1.54
CA VAL B 62 -10.88 31.71 0.22
C VAL B 62 -11.51 33.10 0.25
N ASP B 63 -12.85 33.15 0.22
CA ASP B 63 -13.60 34.38 0.12
C ASP B 63 -14.03 34.93 1.49
N GLU B 64 -13.87 34.13 2.55
CA GLU B 64 -14.10 34.68 3.91
C GLU B 64 -13.01 35.71 4.22
N SER B 65 -13.33 36.67 5.10
CA SER B 65 -12.36 37.69 5.55
C SER B 65 -11.00 37.05 5.94
N GLY B 66 -9.91 37.63 5.44
CA GLY B 66 -8.51 37.15 5.75
C GLY B 66 -8.07 35.95 4.93
N GLY B 67 -8.96 35.52 4.03
CA GLY B 67 -8.76 34.34 3.16
C GLY B 67 -7.87 34.64 1.95
N TYR B 68 -7.65 33.61 1.12
CA TYR B 68 -6.77 33.73 -0.06
C TYR B 68 -7.12 34.87 -1.10
N ILE B 69 -8.44 35.12 -1.32
CA ILE B 69 -8.87 36.10 -2.34
C ILE B 69 -8.31 37.43 -1.93
N THR B 70 -8.25 37.69 -0.61
CA THR B 70 -7.73 38.97 -0.14
C THR B 70 -6.36 39.01 0.51
N ASP B 71 -5.78 37.85 0.84
CA ASP B 71 -4.44 37.82 1.44
C ASP B 71 -3.67 36.64 0.88
N SER B 72 -2.75 36.93 -0.05
CA SER B 72 -2.06 35.80 -0.77
C SER B 72 -1.14 35.01 0.15
N TYR B 73 -0.84 35.48 1.38
CA TYR B 73 0.00 34.70 2.25
C TYR B 73 -0.63 33.37 2.69
N ASN B 74 -1.95 33.26 2.55
CA ASN B 74 -2.63 31.98 2.79
C ASN B 74 -1.98 30.83 2.00
N LYS B 75 -1.47 31.12 0.79
CA LYS B 75 -0.91 30.03 -0.02
C LYS B 75 0.45 29.55 0.54
N THR B 76 1.26 30.48 1.07
CA THR B 76 2.49 30.11 1.78
C THR B 76 2.22 29.26 3.01
N ARG B 77 1.12 29.55 3.70
CA ARG B 77 0.78 28.71 4.86
C ARG B 77 0.49 27.25 4.39
N VAL B 78 -0.33 27.13 3.34
CA VAL B 78 -0.55 25.81 2.69
C VAL B 78 0.78 25.11 2.25
N THR B 79 1.67 25.80 1.54
CA THR B 79 2.85 25.15 0.97
C THR B 79 3.83 24.77 2.09
N THR B 80 3.88 25.57 3.15
CA THR B 80 4.69 25.22 4.35
C THR B 80 4.22 23.85 4.95
N VAL B 81 2.92 23.67 5.09
CA VAL B 81 2.36 22.40 5.55
C VAL B 81 2.61 21.23 4.55
N VAL B 82 2.37 21.49 3.28
CA VAL B 82 2.57 20.37 2.27
C VAL B 82 4.04 19.88 2.28
N ASP B 83 5.00 20.82 2.23
CA ASP B 83 6.41 20.47 2.31
C ASP B 83 6.70 19.64 3.56
N ALA B 84 6.18 20.08 4.69
CA ALA B 84 6.42 19.32 5.95
C ALA B 84 5.83 17.92 5.90
N ALA B 85 4.63 17.80 5.35
CA ALA B 85 3.97 16.48 5.28
C ALA B 85 4.81 15.58 4.37
N ILE B 86 5.23 16.08 3.22
CA ILE B 86 6.12 15.30 2.30
C ILE B 86 7.44 14.85 3.06
N ALA B 87 8.06 15.80 3.79
CA ALA B 87 9.29 15.52 4.54
C ALA B 87 9.05 14.38 5.55
N ASN B 88 7.82 14.30 6.07
CA ASN B 88 7.46 13.34 7.07
C ASN B 88 6.63 12.12 6.62
N ASN B 89 6.63 11.88 5.32
CA ASN B 89 5.90 10.69 4.80
C ASN B 89 4.46 10.65 5.26
N MET B 90 3.81 11.80 5.27
CA MET B 90 2.41 11.86 5.64
C MET B 90 1.63 12.28 4.40
N TYR B 91 0.35 11.96 4.38
CA TYR B 91 -0.52 12.48 3.37
C TYR B 91 -0.99 13.91 3.72
N VAL B 92 -1.27 14.66 2.68
CA VAL B 92 -1.69 16.03 2.91
C VAL B 92 -2.81 16.44 1.98
N ILE B 93 -3.87 17.02 2.56
CA ILE B 93 -5.01 17.55 1.71
C ILE B 93 -4.84 19.06 1.53
N ILE B 94 -4.86 19.47 0.26
CA ILE B 94 -4.90 20.91 -0.06
C ILE B 94 -6.36 21.27 -0.26
N ASP B 95 -6.96 22.02 0.69
CA ASP B 95 -8.41 22.16 0.72
C ASP B 95 -8.79 23.66 0.39
N TRP B 96 -9.52 23.85 -0.73
CA TRP B 96 -10.11 25.15 -1.13
C TRP B 96 -11.33 25.31 -0.19
N HIS B 97 -11.10 26.01 0.94
CA HIS B 97 -12.01 25.92 2.11
C HIS B 97 -13.10 27.03 1.99
N SER B 98 -13.99 26.83 1.02
CA SER B 98 -15.06 27.78 0.70
C SER B 98 -16.46 27.13 0.80
N HIS B 99 -17.48 27.97 1.10
CA HIS B 99 -18.87 27.63 0.95
C HIS B 99 -19.48 28.12 -0.36
N HIS B 100 -18.67 28.77 -1.17
CA HIS B 100 -19.16 29.41 -2.40
C HIS B 100 -18.15 29.26 -3.50
N ALA B 101 -17.58 28.06 -3.68
CA ALA B 101 -16.44 27.97 -4.60
C ALA B 101 -16.83 28.20 -6.06
N GLU B 102 -18.10 27.93 -6.42
CA GLU B 102 -18.46 28.13 -7.83
C GLU B 102 -18.50 29.66 -8.17
N GLN B 103 -18.51 30.51 -7.15
CA GLN B 103 -18.45 31.97 -7.38
C GLN B 103 -16.99 32.43 -7.59
N TYR B 104 -16.03 31.53 -7.28
CA TYR B 104 -14.58 31.79 -7.33
C TYR B 104 -13.92 30.66 -8.13
N GLN B 105 -14.61 30.17 -9.17
CA GLN B 105 -14.09 28.97 -9.86
C GLN B 105 -12.76 29.22 -10.62
N SER B 106 -12.66 30.38 -11.28
CA SER B 106 -11.44 30.70 -11.99
C SER B 106 -10.27 30.84 -11.01
N GLN B 107 -10.53 31.49 -9.87
CA GLN B 107 -9.48 31.56 -8.83
C GLN B 107 -9.00 30.16 -8.36
N ALA B 108 -9.98 29.27 -8.13
CA ALA B 108 -9.70 27.87 -7.72
C ALA B 108 -8.85 27.18 -8.80
N ILE B 109 -9.21 27.39 -10.07
CA ILE B 109 -8.44 26.71 -11.15
C ILE B 109 -6.97 27.19 -11.19
N ALA B 110 -6.77 28.50 -11.11
CA ALA B 110 -5.39 28.99 -11.16
C ALA B 110 -4.61 28.43 -9.98
N PHE B 111 -5.20 28.46 -8.80
CA PHE B 111 -4.56 27.94 -7.59
C PHE B 111 -4.22 26.43 -7.71
N PHE B 112 -5.17 25.60 -8.09
CA PHE B 112 -4.92 24.14 -8.19
C PHE B 112 -3.94 23.76 -9.33
N LYS B 113 -3.97 24.49 -10.44
CA LYS B 113 -2.89 24.32 -11.50
C LYS B 113 -1.49 24.65 -10.91
N GLU B 114 -1.38 25.76 -10.17
CA GLU B 114 -0.11 26.04 -9.48
C GLU B 114 0.32 24.90 -8.50
N MET B 115 -0.60 24.42 -7.65
CA MET B 115 -0.30 23.35 -6.70
C MET B 115 0.02 22.02 -7.42
N ALA B 116 -0.73 21.68 -8.46
CA ALA B 116 -0.44 20.43 -9.16
C ALA B 116 0.93 20.54 -9.89
N THR B 117 1.27 21.72 -10.45
CA THR B 117 2.60 21.86 -11.04
C THR B 117 3.73 21.61 -10.04
N LYS B 118 3.61 22.16 -8.87
CA LYS B 118 4.62 22.02 -7.81
C LYS B 118 4.65 20.63 -7.19
N TYR B 119 3.48 20.04 -6.90
CA TYR B 119 3.41 18.84 -6.06
C TYR B 119 2.86 17.61 -6.73
N GLY B 120 2.63 17.67 -8.03
CA GLY B 120 1.93 16.55 -8.70
C GLY B 120 2.66 15.23 -8.78
N ASN B 121 3.97 15.26 -8.61
CA ASN B 121 4.77 14.05 -8.65
C ASN B 121 4.89 13.41 -7.26
N ASN B 122 4.21 13.92 -6.23
CA ASN B 122 4.32 13.37 -4.92
C ASN B 122 3.05 12.58 -4.61
N ASN B 123 3.19 11.30 -4.22
CA ASN B 123 2.00 10.52 -3.81
C ASN B 123 1.20 11.06 -2.60
N ASN B 124 1.82 11.93 -1.79
CA ASN B 124 1.22 12.45 -0.57
C ASN B 124 -0.01 13.33 -0.78
N VAL B 125 -0.14 13.95 -1.97
CA VAL B 125 -1.02 15.12 -2.06
C VAL B 125 -2.40 14.69 -2.52
N ILE B 126 -3.39 15.26 -1.88
CA ILE B 126 -4.82 15.06 -2.22
C ILE B 126 -5.42 16.47 -2.42
N TYR B 127 -6.16 16.66 -3.50
CA TYR B 127 -6.78 17.97 -3.77
C TYR B 127 -8.24 17.94 -3.32
N GLU B 128 -8.62 18.90 -2.48
CA GLU B 128 -10.03 18.95 -2.03
C GLU B 128 -10.58 20.28 -2.57
N ILE B 129 -11.35 20.19 -3.65
CA ILE B 129 -11.66 21.35 -4.49
C ILE B 129 -12.83 22.32 -4.02
N TYR B 130 -13.62 21.84 -3.08
CA TYR B 130 -14.78 22.61 -2.62
C TYR B 130 -15.22 22.13 -1.24
N ASN B 131 -14.71 22.74 -0.17
CA ASN B 131 -14.96 22.23 1.20
C ASN B 131 -16.41 21.84 1.45
N GLU B 132 -17.30 22.83 1.45
CA GLU B 132 -18.68 22.64 1.92
C GLU B 132 -19.66 23.51 1.14
N PRO B 133 -20.12 23.03 -0.01
CA PRO B 133 -21.22 23.67 -0.69
C PRO B 133 -22.39 23.80 0.27
N LEU B 134 -23.25 24.81 0.09
CA LEU B 134 -24.45 24.94 0.94
C LEU B 134 -25.58 24.11 0.29
N GLN B 135 -26.82 24.55 0.48
CA GLN B 135 -27.93 23.81 -0.16
C GLN B 135 -28.06 24.26 -1.60
N VAL B 136 -27.26 23.66 -2.47
CA VAL B 136 -27.17 24.01 -3.88
C VAL B 136 -27.27 22.73 -4.68
N SER B 137 -27.67 22.82 -5.95
CA SER B 137 -27.78 21.60 -6.76
C SER B 137 -26.50 20.88 -7.11
N TRP B 138 -26.49 19.58 -6.86
CA TRP B 138 -25.32 18.74 -7.23
C TRP B 138 -25.21 18.80 -8.79
N SER B 139 -26.25 18.37 -9.54
CA SER B 139 -26.01 18.18 -11.01
C SER B 139 -25.75 19.48 -11.78
N SER B 140 -26.34 20.59 -11.36
CA SER B 140 -26.32 21.77 -12.22
C SER B 140 -25.48 22.92 -11.66
N VAL B 141 -25.03 22.76 -10.41
CA VAL B 141 -24.09 23.75 -9.73
C VAL B 141 -22.75 23.10 -9.34
N ILE B 142 -22.78 22.07 -8.50
CA ILE B 142 -21.45 21.55 -7.99
C ILE B 142 -20.71 20.69 -9.04
N LYS B 143 -21.46 19.83 -9.72
CA LYS B 143 -20.92 18.93 -10.69
C LYS B 143 -20.21 19.67 -11.87
N PRO B 144 -20.83 20.73 -12.48
CA PRO B 144 -20.14 21.53 -13.54
C PRO B 144 -18.87 22.18 -13.02
N TYR B 145 -18.95 22.71 -11.79
CA TYR B 145 -17.73 23.24 -11.13
C TYR B 145 -16.66 22.14 -11.00
N ALA B 146 -17.02 20.98 -10.45
CA ALA B 146 -16.02 19.92 -10.18
C ALA B 146 -15.44 19.38 -11.50
N THR B 147 -16.23 19.21 -12.54
CA THR B 147 -15.65 18.65 -13.78
CA THR B 147 -15.73 18.68 -13.83
C THR B 147 -14.66 19.63 -14.43
N ALA B 148 -14.94 20.91 -14.33
CA ALA B 148 -14.05 21.95 -14.86
C ALA B 148 -12.72 21.98 -14.14
N VAL B 149 -12.77 21.92 -12.80
CA VAL B 149 -11.53 21.97 -12.00
C VAL B 149 -10.72 20.65 -12.11
N ILE B 150 -11.43 19.52 -12.11
CA ILE B 150 -10.81 18.21 -12.31
C ILE B 150 -10.12 18.15 -13.67
N ALA B 151 -10.82 18.60 -14.71
CA ALA B 151 -10.17 18.59 -16.07
C ALA B 151 -8.82 19.35 -16.06
N GLU B 152 -8.81 20.55 -15.44
CA GLU B 152 -7.53 21.35 -15.32
C GLU B 152 -6.46 20.66 -14.46
N ILE B 153 -6.83 20.07 -13.30
CA ILE B 153 -5.84 19.37 -12.48
C ILE B 153 -5.23 18.17 -13.24
N ARG B 154 -6.10 17.37 -13.86
CA ARG B 154 -5.70 16.16 -14.61
C ARG B 154 -4.77 16.39 -15.80
N LYS B 155 -4.82 17.57 -16.41
CA LYS B 155 -3.80 17.92 -17.43
C LYS B 155 -2.38 17.87 -16.88
N ILE B 156 -2.20 18.18 -15.60
CA ILE B 156 -0.88 18.32 -14.99
C ILE B 156 -0.56 17.12 -14.07
N ASP B 157 -1.55 16.70 -13.28
CA ASP B 157 -1.40 15.56 -12.31
C ASP B 157 -2.44 14.50 -12.67
N PRO B 158 -2.11 13.52 -13.55
CA PRO B 158 -3.14 12.58 -14.00
C PRO B 158 -3.62 11.60 -12.91
N ASP B 159 -2.98 11.56 -11.73
CA ASP B 159 -3.17 10.45 -10.79
C ASP B 159 -3.72 10.80 -9.44
N ASN B 160 -3.23 11.86 -8.80
CA ASN B 160 -3.52 12.03 -7.33
C ASN B 160 -5.02 12.25 -7.06
N LEU B 161 -5.47 11.74 -5.89
CA LEU B 161 -6.88 11.79 -5.50
C LEU B 161 -7.43 13.21 -5.50
N ILE B 162 -8.63 13.39 -6.11
CA ILE B 162 -9.39 14.68 -5.98
C ILE B 162 -10.67 14.35 -5.25
N VAL B 163 -10.91 15.12 -4.19
CA VAL B 163 -12.14 14.87 -3.39
C VAL B 163 -13.09 16.02 -3.67
N VAL B 164 -14.38 15.69 -3.90
CA VAL B 164 -15.39 16.71 -4.32
C VAL B 164 -16.52 16.91 -3.27
N GLY B 165 -16.70 18.15 -2.81
CA GLY B 165 -17.74 18.49 -1.84
C GLY B 165 -19.14 18.16 -2.37
N THR B 166 -20.09 17.96 -1.46
CA THR B 166 -21.43 17.62 -1.91
C THR B 166 -22.43 18.59 -1.26
N PRO B 167 -23.69 18.58 -1.73
CA PRO B 167 -24.63 19.58 -1.12
C PRO B 167 -24.86 19.52 0.40
N THR B 168 -25.27 20.67 0.93
CA THR B 168 -25.75 20.75 2.35
C THR B 168 -24.61 20.51 3.34
N TRP B 169 -23.55 21.32 3.23
CA TRP B 169 -22.34 21.15 4.04
C TRP B 169 -21.76 19.74 3.86
N SER B 170 -21.65 19.31 2.58
CA SER B 170 -21.11 18.00 2.24
C SER B 170 -21.81 16.89 3.02
N GLN B 171 -23.13 16.93 3.04
CA GLN B 171 -23.91 15.82 3.61
C GLN B 171 -24.53 14.95 2.52
N ASP B 172 -24.88 15.56 1.39
CA ASP B 172 -25.84 14.87 0.46
C ASP B 172 -25.09 13.96 -0.50
N VAL B 173 -24.32 13.07 0.09
CA VAL B 173 -23.55 12.14 -0.77
C VAL B 173 -24.51 11.20 -1.54
N ASP B 174 -25.66 10.90 -0.94
CA ASP B 174 -26.65 10.04 -1.61
C ASP B 174 -27.20 10.71 -2.89
N VAL B 175 -27.25 12.07 -2.85
CA VAL B 175 -27.70 12.85 -4.01
C VAL B 175 -26.64 12.82 -5.14
N ALA B 176 -25.37 13.03 -4.78
CA ALA B 176 -24.26 12.95 -5.74
C ALA B 176 -24.26 11.57 -6.37
N ALA B 177 -24.67 10.56 -5.60
CA ALA B 177 -24.66 9.18 -6.13
C ALA B 177 -25.59 8.99 -7.30
N ASN B 178 -26.63 9.85 -7.41
CA ASN B 178 -27.57 9.76 -8.58
C ASN B 178 -26.96 10.29 -9.87
N ASP B 179 -25.83 10.99 -9.78
CA ASP B 179 -25.25 11.61 -11.01
C ASP B 179 -23.73 11.83 -10.77
N PRO B 180 -22.96 10.72 -10.64
CA PRO B 180 -21.53 10.87 -10.29
C PRO B 180 -20.72 11.42 -11.46
N ILE B 181 -19.54 11.95 -11.15
CA ILE B 181 -18.55 12.36 -12.18
C ILE B 181 -18.01 11.09 -12.90
N THR B 182 -18.09 11.05 -14.23
CA THR B 182 -17.64 9.88 -15.02
C THR B 182 -16.44 10.22 -15.87
N GLY B 183 -15.65 9.23 -16.32
CA GLY B 183 -14.57 9.58 -17.31
C GLY B 183 -13.33 10.31 -16.78
N TYR B 184 -13.18 10.28 -15.45
CA TYR B 184 -11.94 10.78 -14.79
C TYR B 184 -11.53 9.80 -13.71
N ALA B 185 -10.23 9.52 -13.63
CA ALA B 185 -9.74 8.59 -12.66
C ALA B 185 -9.63 9.29 -11.27
N ASN B 186 -9.84 8.48 -10.23
CA ASN B 186 -9.46 8.77 -8.84
C ASN B 186 -10.15 10.00 -8.28
N ILE B 187 -11.48 9.93 -8.28
CA ILE B 187 -12.34 11.06 -7.80
C ILE B 187 -13.11 10.45 -6.62
N ALA B 188 -13.08 11.12 -5.47
CA ALA B 188 -13.91 10.64 -4.33
C ALA B 188 -14.81 11.83 -3.94
N TYR B 189 -15.72 11.55 -3.03
CA TYR B 189 -16.74 12.50 -2.64
C TYR B 189 -16.71 12.76 -1.14
N THR B 190 -16.85 14.04 -0.78
CA THR B 190 -16.75 14.43 0.60
C THR B 190 -17.96 14.13 1.41
N LEU B 191 -17.72 13.72 2.65
CA LEU B 191 -18.82 13.58 3.64
C LEU B 191 -18.27 14.29 4.90
N HIS B 192 -19.01 15.24 5.43
CA HIS B 192 -18.62 15.87 6.73
C HIS B 192 -19.73 15.62 7.73
N PHE B 193 -19.35 15.34 8.96
CA PHE B 193 -20.36 15.09 10.03
C PHE B 193 -19.85 15.70 11.35
N TYR B 194 -20.79 16.19 12.17
CA TYR B 194 -20.49 16.68 13.52
C TYR B 194 -21.39 15.87 14.39
N ALA B 195 -20.79 15.01 15.20
CA ALA B 195 -21.59 13.97 15.94
C ALA B 195 -22.65 14.51 16.90
N GLY B 196 -22.45 15.74 17.39
CA GLY B 196 -23.41 16.42 18.27
C GLY B 196 -24.69 16.81 17.53
N THR B 197 -24.60 16.94 16.22
CA THR B 197 -25.75 17.32 15.38
C THR B 197 -26.23 16.23 14.40
N HIS B 198 -25.31 15.40 13.92
CA HIS B 198 -25.58 14.49 12.76
C HIS B 198 -25.34 13.08 13.22
N GLY B 199 -26.41 12.33 13.19
CA GLY B 199 -26.42 11.00 13.78
C GLY B 199 -26.83 9.95 12.75
N GLN B 200 -27.76 9.09 13.13
CA GLN B 200 -28.15 7.94 12.22
C GLN B 200 -28.64 8.41 10.83
N SER B 201 -29.36 9.53 10.76
CA SER B 201 -29.88 9.96 9.47
C SER B 201 -28.75 10.24 8.50
N LEU B 202 -27.67 10.85 8.97
CA LEU B 202 -26.53 11.13 8.08
C LEU B 202 -25.69 9.85 7.77
N ARG B 203 -25.52 8.97 8.78
CA ARG B 203 -24.90 7.65 8.54
C ARG B 203 -25.67 6.84 7.51
N ASN B 204 -27.00 6.97 7.50
CA ASN B 204 -27.83 6.24 6.53
C ASN B 204 -27.63 6.80 5.09
N LYS B 205 -27.56 8.13 4.98
CA LYS B 205 -27.23 8.74 3.66
C LYS B 205 -25.86 8.25 3.19
N ALA B 206 -24.88 8.20 4.10
CA ALA B 206 -23.57 7.65 3.72
C ALA B 206 -23.62 6.19 3.27
N SER B 207 -24.32 5.34 4.05
CA SER B 207 -24.48 3.92 3.71
CA SER B 207 -24.48 3.93 3.69
C SER B 207 -25.10 3.80 2.32
N THR B 208 -26.10 4.64 2.01
CA THR B 208 -26.79 4.58 0.75
C THR B 208 -25.80 4.96 -0.34
N ALA B 209 -25.02 6.01 -0.10
CA ALA B 209 -24.04 6.39 -1.11
C ALA B 209 -23.00 5.26 -1.40
N LEU B 210 -22.47 4.62 -0.35
CA LEU B 210 -21.60 3.51 -0.54
C LEU B 210 -22.30 2.34 -1.28
N SER B 211 -23.57 2.02 -0.93
CA SER B 211 -24.28 0.96 -1.65
CA SER B 211 -24.29 0.95 -1.63
C SER B 211 -24.52 1.33 -3.12
N LYS B 212 -24.39 2.61 -3.43
CA LYS B 212 -24.54 3.10 -4.81
C LYS B 212 -23.20 3.30 -5.47
N GLY B 213 -22.11 2.81 -4.86
CA GLY B 213 -20.83 2.73 -5.55
C GLY B 213 -19.96 3.94 -5.44
N ILE B 214 -20.34 4.88 -4.59
CA ILE B 214 -19.45 6.04 -4.60
C ILE B 214 -18.47 6.01 -3.40
N PRO B 215 -17.24 6.40 -3.70
CA PRO B 215 -16.18 6.37 -2.68
C PRO B 215 -16.20 7.66 -1.89
N LEU B 216 -16.24 7.51 -0.56
CA LEU B 216 -16.30 8.66 0.37
C LEU B 216 -14.97 8.88 1.04
N PHE B 217 -14.73 10.13 1.45
CA PHE B 217 -13.55 10.51 2.21
C PHE B 217 -14.08 11.60 3.15
N VAL B 218 -13.93 11.35 4.46
CA VAL B 218 -14.37 12.30 5.47
C VAL B 218 -13.25 13.31 5.70
N THR B 219 -13.18 14.32 4.84
CA THR B 219 -12.11 15.29 4.99
C THR B 219 -12.28 16.24 6.17
N GLU B 220 -13.45 16.24 6.82
CA GLU B 220 -13.67 17.05 8.04
C GLU B 220 -14.76 16.35 8.89
N TRP B 221 -14.51 16.12 10.17
CA TRP B 221 -15.55 15.65 11.08
C TRP B 221 -15.22 16.22 12.46
N GLY B 222 -16.26 16.39 13.28
CA GLY B 222 -16.07 16.78 14.68
C GLY B 222 -16.89 15.90 15.58
N SER B 223 -16.51 15.84 16.89
CA SER B 223 -17.22 15.03 17.85
C SER B 223 -18.32 15.90 18.58
N VAL B 224 -18.36 17.21 18.25
CA VAL B 224 -19.22 18.19 18.90
C VAL B 224 -20.40 18.62 17.98
N ASN B 225 -21.00 19.78 18.22
CA ASN B 225 -22.09 20.26 17.33
C ASN B 225 -21.54 20.88 16.02
N ALA B 226 -22.40 21.06 15.02
CA ALA B 226 -22.01 21.46 13.67
C ALA B 226 -21.39 22.81 13.63
N ASP B 227 -21.73 23.67 14.59
CA ASP B 227 -21.12 24.99 14.61
C ASP B 227 -19.75 25.05 15.30
N GLY B 228 -19.19 23.89 15.65
CA GLY B 228 -17.94 23.88 16.41
C GLY B 228 -18.08 23.96 17.91
N GLY B 229 -19.30 24.18 18.42
CA GLY B 229 -19.56 24.35 19.83
C GLY B 229 -20.10 23.09 20.51
N GLY B 230 -20.21 23.16 21.84
CA GLY B 230 -20.88 22.09 22.60
C GLY B 230 -19.94 21.00 23.11
N SER B 231 -20.52 19.92 23.62
CA SER B 231 -19.75 18.91 24.31
C SER B 231 -19.51 17.74 23.35
N VAL B 232 -18.53 16.93 23.65
CA VAL B 232 -18.32 15.73 22.84
C VAL B 232 -19.56 14.79 22.94
N ALA B 233 -20.07 14.33 21.80
CA ALA B 233 -21.23 13.44 21.80
C ALA B 233 -20.59 12.07 21.68
N THR B 234 -20.41 11.43 22.84
CA THR B 234 -19.46 10.28 22.87
C THR B 234 -20.05 9.06 22.10
N ALA B 235 -21.35 8.84 22.24
CA ALA B 235 -22.00 7.62 21.67
C ALA B 235 -22.10 7.79 20.15
N GLU B 236 -22.59 8.95 19.72
CA GLU B 236 -22.74 9.18 18.28
C GLU B 236 -21.33 9.21 17.69
N THR B 237 -20.35 9.76 18.39
CA THR B 237 -18.98 9.72 17.78
C THR B 237 -18.50 8.28 17.54
N ASN B 238 -18.68 7.47 18.59
CA ASN B 238 -18.41 6.06 18.52
C ASN B 238 -19.11 5.32 17.39
N SER B 239 -20.41 5.53 17.20
CA SER B 239 -21.06 4.93 16.04
C SER B 239 -20.43 5.38 14.74
N TRP B 240 -20.05 6.70 14.65
CA TRP B 240 -19.38 7.15 13.41
C TRP B 240 -17.97 6.51 13.19
N VAL B 241 -17.14 6.45 14.24
CA VAL B 241 -15.83 5.85 14.18
C VAL B 241 -15.99 4.37 13.71
N SER B 242 -16.96 3.64 14.30
CA SER B 242 -17.24 2.24 13.84
C SER B 242 -17.57 2.13 12.35
N PHE B 243 -18.41 3.04 11.92
CA PHE B 243 -18.88 3.14 10.53
C PHE B 243 -17.68 3.43 9.57
N MET B 244 -16.81 4.38 9.98
CA MET B 244 -15.64 4.65 9.12
C MET B 244 -14.64 3.52 9.11
N LYS B 245 -14.48 2.83 10.27
CA LYS B 245 -13.46 1.75 10.28
C LYS B 245 -14.00 0.57 9.44
N THR B 246 -15.29 0.22 9.60
CA THR B 246 -15.77 -0.99 8.92
C THR B 246 -15.81 -0.77 7.39
N ASN B 247 -15.95 0.49 6.96
CA ASN B 247 -16.05 0.80 5.54
C ASN B 247 -14.77 1.43 5.00
N ASN B 248 -13.66 1.36 5.78
CA ASN B 248 -12.37 1.93 5.31
C ASN B 248 -12.48 3.35 4.78
N ILE B 249 -13.08 4.21 5.58
CA ILE B 249 -13.23 5.61 5.22
C ILE B 249 -12.14 6.42 5.94
N SER B 250 -11.30 7.05 5.16
CA SER B 250 -10.27 7.95 5.68
C SER B 250 -10.90 9.24 6.22
N ASN B 251 -10.26 9.83 7.23
CA ASN B 251 -10.92 10.89 7.99
C ASN B 251 -9.94 11.85 8.63
N ALA B 252 -10.31 13.12 8.78
CA ALA B 252 -9.46 14.16 9.41
C ALA B 252 -10.30 14.94 10.35
N ASN B 253 -9.88 14.98 11.63
CA ASN B 253 -10.68 15.62 12.68
C ASN B 253 -10.53 17.15 12.71
N TRP B 254 -11.68 17.82 12.82
CA TRP B 254 -11.73 19.26 13.02
C TRP B 254 -11.86 19.56 14.54
N ALA B 255 -11.00 20.42 15.10
CA ALA B 255 -9.87 21.09 14.42
C ALA B 255 -8.64 21.06 15.30
N LEU B 256 -7.47 21.02 14.67
CA LEU B 256 -6.22 21.17 15.41
C LEU B 256 -6.06 22.68 15.60
N ASN B 257 -6.55 23.16 16.73
CA ASN B 257 -6.67 24.60 17.03
C ASN B 257 -6.94 24.71 18.57
N ASP B 258 -6.87 25.93 19.13
CA ASP B 258 -7.05 26.17 20.53
C ASP B 258 -8.12 27.26 20.80
N LYS B 259 -8.98 27.52 19.82
CA LYS B 259 -10.10 28.43 20.06
C LYS B 259 -10.91 27.94 21.29
N ALA B 260 -11.51 28.86 22.04
CA ALA B 260 -12.32 28.47 23.15
C ALA B 260 -13.71 27.88 22.63
N GLU B 261 -13.68 26.74 21.92
CA GLU B 261 -14.92 26.08 21.47
C GLU B 261 -14.71 24.56 21.53
N GLY B 262 -15.80 23.79 21.63
CA GLY B 262 -15.68 22.31 21.88
C GLY B 262 -14.90 21.60 20.79
N ALA B 263 -15.01 22.04 19.52
CA ALA B 263 -14.23 21.35 18.42
C ALA B 263 -12.69 21.44 18.47
N SER B 264 -12.15 22.46 19.15
CA SER B 264 -10.73 22.59 19.32
C SER B 264 -10.12 21.33 20.01
N ALA B 265 -9.05 20.78 19.43
CA ALA B 265 -8.34 19.62 20.04
C ALA B 265 -7.51 20.11 21.23
N LEU B 266 -7.14 21.39 21.25
CA LEU B 266 -6.15 21.87 22.24
C LEU B 266 -6.73 22.92 23.21
N VAL B 267 -6.29 22.90 24.44
CA VAL B 267 -6.68 23.96 25.41
C VAL B 267 -6.15 25.33 24.91
N SER B 268 -6.84 26.41 25.28
CA SER B 268 -6.48 27.77 24.92
CA SER B 268 -6.46 27.73 24.80
C SER B 268 -5.00 28.04 25.17
N GLY B 269 -4.27 28.52 24.16
CA GLY B 269 -2.84 28.84 24.40
C GLY B 269 -1.84 27.74 24.06
N ALA B 270 -2.31 26.52 23.73
CA ALA B 270 -1.42 25.42 23.44
C ALA B 270 -0.46 25.77 22.32
N SER B 271 0.81 25.37 22.50
CA SER B 271 1.88 25.83 21.59
C SER B 271 1.63 25.70 20.11
N ALA B 272 1.98 26.76 19.37
CA ALA B 272 1.88 26.71 17.87
C ALA B 272 2.83 25.67 17.28
N ASN B 273 3.86 25.27 18.03
CA ASN B 273 4.91 24.37 17.52
C ASN B 273 4.77 22.90 17.98
N GLY B 274 3.69 22.58 18.66
CA GLY B 274 3.44 21.20 19.11
C GLY B 274 3.96 20.97 20.51
N GLY B 275 4.14 19.69 20.86
CA GLY B 275 4.70 19.31 22.12
C GLY B 275 3.64 19.15 23.23
N TRP B 276 2.34 19.23 22.91
CA TRP B 276 1.30 19.39 23.96
C TRP B 276 1.26 18.17 24.92
N THR B 277 1.20 18.42 26.23
CA THR B 277 1.06 17.29 27.22
C THR B 277 -0.39 16.78 27.18
N SER B 278 -0.67 15.66 27.85
CA SER B 278 -1.98 15.07 27.74
C SER B 278 -3.00 16.03 28.40
N SER B 279 -2.55 16.82 29.40
CA SER B 279 -3.46 17.74 30.03
C SER B 279 -3.69 19.07 29.24
N GLN B 280 -3.02 19.21 28.10
CA GLN B 280 -3.28 20.33 27.19
C GLN B 280 -4.22 19.96 26.01
N LEU B 281 -4.75 18.73 26.05
CA LEU B 281 -5.81 18.35 25.14
C LEU B 281 -7.16 18.52 25.78
N THR B 282 -8.16 18.95 25.00
CA THR B 282 -9.55 19.08 25.43
C THR B 282 -10.18 17.65 25.40
N ALA B 283 -11.43 17.51 25.79
CA ALA B 283 -12.11 16.20 25.63
C ALA B 283 -12.09 15.80 24.14
N SER B 284 -12.39 16.75 23.22
CA SER B 284 -12.41 16.40 21.80
C SER B 284 -10.99 15.98 21.34
N GLY B 285 -9.98 16.70 21.82
CA GLY B 285 -8.58 16.38 21.47
C GLY B 285 -8.09 15.03 21.97
N THR B 286 -8.42 14.71 23.20
CA THR B 286 -8.06 13.40 23.77
C THR B 286 -8.72 12.28 22.93
N LEU B 287 -9.99 12.46 22.59
CA LEU B 287 -10.73 11.49 21.74
C LEU B 287 -10.07 11.42 20.31
N ALA B 288 -9.84 12.58 19.69
CA ALA B 288 -9.19 12.66 18.34
C ALA B 288 -7.83 11.93 18.32
N LYS B 289 -6.97 12.23 19.33
CA LYS B 289 -5.67 11.59 19.37
C LYS B 289 -5.82 10.04 19.50
N SER B 290 -6.79 9.55 20.33
CA SER B 290 -6.93 8.08 20.46
C SER B 290 -7.35 7.42 19.13
N ILE B 291 -8.27 8.09 18.44
CA ILE B 291 -8.77 7.58 17.14
C ILE B 291 -7.60 7.51 16.17
N ILE B 292 -6.84 8.60 16.07
CA ILE B 292 -5.70 8.60 15.15
C ILE B 292 -4.56 7.64 15.53
N SER B 293 -4.11 7.66 16.80
CA SER B 293 -3.02 6.78 17.28
CA SER B 293 -3.00 6.79 17.22
C SER B 293 -3.40 5.31 17.15
N GLY B 294 -4.68 4.99 17.39
CA GLY B 294 -5.16 3.63 17.36
C GLY B 294 -5.61 3.11 15.99
N TRP B 295 -5.59 3.96 14.94
CA TRP B 295 -6.30 3.65 13.68
C TRP B 295 -5.77 2.39 12.94
N PRO B 296 -6.69 1.49 12.41
CA PRO B 296 -6.23 0.20 11.78
C PRO B 296 -4.98 0.28 10.86
#